data_4CJU
#
_entry.id   4CJU
#
_cell.length_a   71.063
_cell.length_b   71.063
_cell.length_c   67.058
_cell.angle_alpha   90.00
_cell.angle_beta   90.00
_cell.angle_gamma   120.00
#
_symmetry.space_group_name_H-M   'P 31'
#
loop_
_entity.id
_entity.type
_entity.pdbx_description
1 polymer INTEGRASE
2 non-polymer 'SULFATE ION'
3 non-polymer 'ACETATE ION'
4 non-polymer '5-[(Z)-2-phenylethenyl]-1,3-benzodioxole-4-carboxylic acid'
5 water water
#
_entity_poly.entity_id   1
_entity_poly.type   'polypeptide(L)'
_entity_poly.pdbx_seq_one_letter_code
;MGSSHHHHHHSSGLVPRGSHMHGQVDSSPGIWQLDCTHLEGKVILVAVHVASGYIEAEVIPAETGQETAYFLLKLAGRWP
VKTVHTDNGSNFTSTTVKAACWWAGIKQEDGIPYNPQSQGVIESMNKELKKIIGQVRDQAEHLKTAVQMAVFIHNHKRKG
GIGGYSAGERIVDIIATDIQTKE
;
_entity_poly.pdbx_strand_id   A,B
#
loop_
_chem_comp.id
_chem_comp.type
_chem_comp.name
_chem_comp.formula
ACT non-polymer 'ACETATE ION' 'C2 H3 O2 -1'
JNS non-polymer '5-[(Z)-2-phenylethenyl]-1,3-benzodioxole-4-carboxylic acid' 'C16 H12 O4'
SO4 non-polymer 'SULFATE ION' 'O4 S -2'
#
# COMPACT_ATOMS: atom_id res chain seq x y z
N SER A 28 -3.09 18.71 8.04
CA SER A 28 -4.23 17.83 7.64
C SER A 28 -3.94 16.81 6.51
N PRO A 29 -3.20 17.21 5.45
CA PRO A 29 -2.88 16.21 4.41
C PRO A 29 -2.10 14.99 4.92
N GLY A 30 -1.29 15.19 5.97
CA GLY A 30 -0.41 14.12 6.47
C GLY A 30 -0.91 13.35 7.69
N ILE A 31 -2.16 13.56 8.09
CA ILE A 31 -2.70 12.97 9.33
C ILE A 31 -3.44 11.66 9.09
N TRP A 32 -2.98 10.62 9.78
CA TRP A 32 -3.60 9.29 9.73
C TRP A 32 -3.97 8.80 11.11
N GLN A 33 -4.94 7.91 11.16
CA GLN A 33 -5.44 7.32 12.41
CA GLN A 33 -5.43 7.32 12.40
C GLN A 33 -5.39 5.81 12.31
N LEU A 34 -4.79 5.17 13.31
CA LEU A 34 -4.80 3.71 13.39
C LEU A 34 -6.08 3.22 14.03
N ASP A 35 -6.48 2.03 13.62
CA ASP A 35 -7.73 1.41 14.07
C ASP A 35 -7.54 -0.10 14.02
N CYS A 36 -7.87 -0.77 15.11
CA CYS A 36 -7.74 -2.20 15.19
C CYS A 36 -9.12 -2.78 15.47
N THR A 37 -9.56 -3.68 14.60
CA THR A 37 -10.86 -4.36 14.75
C THR A 37 -10.66 -5.88 14.61
N HIS A 38 -11.66 -6.65 15.05
CA HIS A 38 -11.55 -8.10 15.13
C HIS A 38 -12.63 -8.82 14.34
N LEU A 39 -12.24 -9.91 13.69
CA LEU A 39 -13.14 -10.76 12.90
C LEU A 39 -12.52 -12.15 12.72
N GLU A 40 -13.34 -13.19 12.85
CA GLU A 40 -12.91 -14.59 12.67
C GLU A 40 -11.71 -14.99 13.55
N GLY A 41 -11.69 -14.45 14.76
CA GLY A 41 -10.58 -14.69 15.70
C GLY A 41 -9.28 -14.07 15.27
N LYS A 42 -9.35 -13.21 14.27
CA LYS A 42 -8.17 -12.52 13.72
C LYS A 42 -8.32 -11.04 13.95
N VAL A 43 -7.23 -10.34 13.67
CA VAL A 43 -7.13 -8.90 13.89
C VAL A 43 -6.97 -8.22 12.54
N ILE A 44 -7.74 -7.17 12.34
CA ILE A 44 -7.64 -6.34 11.13
C ILE A 44 -7.10 -4.99 11.58
N LEU A 45 -5.93 -4.64 11.08
CA LEU A 45 -5.30 -3.36 11.38
C LEU A 45 -5.56 -2.40 10.23
N VAL A 46 -6.09 -1.23 10.56
CA VAL A 46 -6.52 -0.27 9.55
C VAL A 46 -5.84 1.08 9.80
N ALA A 47 -5.38 1.71 8.74
CA ALA A 47 -4.94 3.10 8.80
C ALA A 47 -5.91 3.92 7.97
N VAL A 48 -6.47 4.97 8.57
N VAL A 48 -6.48 4.96 8.57
CA VAL A 48 -7.38 5.87 7.88
CA VAL A 48 -7.38 5.86 7.85
C VAL A 48 -6.76 7.24 7.70
C VAL A 48 -6.78 7.24 7.71
N HIS A 49 -6.82 7.76 6.49
CA HIS A 49 -6.38 9.12 6.20
C HIS A 49 -7.57 9.99 6.58
N VAL A 50 -7.42 10.74 7.67
CA VAL A 50 -8.56 11.35 8.37
C VAL A 50 -9.37 12.29 7.47
N ALA A 51 -8.68 13.12 6.70
CA ALA A 51 -9.32 14.13 5.85
C ALA A 51 -10.12 13.57 4.66
N SER A 52 -9.75 12.39 4.17
CA SER A 52 -10.40 11.77 2.99
C SER A 52 -11.25 10.53 3.27
N GLY A 53 -10.95 9.80 4.34
CA GLY A 53 -11.56 8.50 4.62
C GLY A 53 -10.91 7.34 3.89
N TYR A 54 -9.83 7.62 3.16
CA TYR A 54 -9.09 6.58 2.44
C TYR A 54 -8.43 5.67 3.46
N ILE A 55 -8.39 4.37 3.17
CA ILE A 55 -7.80 3.39 4.08
C ILE A 55 -6.79 2.45 3.43
N GLU A 56 -5.88 1.96 4.27
CA GLU A 56 -5.12 0.75 3.99
C GLU A 56 -5.37 -0.18 5.16
N ALA A 57 -5.33 -1.49 4.92
CA ALA A 57 -5.61 -2.47 5.97
C ALA A 57 -4.88 -3.77 5.72
N GLU A 58 -4.64 -4.50 6.81
CA GLU A 58 -4.00 -5.80 6.75
CA GLU A 58 -4.00 -5.80 6.75
C GLU A 58 -4.59 -6.70 7.83
N VAL A 59 -4.59 -7.99 7.58
CA VAL A 59 -4.91 -8.97 8.61
C VAL A 59 -3.62 -9.43 9.27
N ILE A 60 -3.62 -9.46 10.59
CA ILE A 60 -2.49 -9.98 11.38
C ILE A 60 -3.03 -10.95 12.43
N PRO A 61 -2.19 -11.89 12.90
CA PRO A 61 -2.71 -12.87 13.87
C PRO A 61 -3.08 -12.22 15.21
N ALA A 62 -2.30 -11.20 15.59
CA ALA A 62 -2.57 -10.42 16.80
C ALA A 62 -1.89 -9.05 16.70
N GLU A 63 -2.43 -8.05 17.40
N GLU A 63 -2.45 -8.06 17.38
CA GLU A 63 -1.85 -6.70 17.35
CA GLU A 63 -1.85 -6.73 17.35
C GLU A 63 -0.66 -6.49 18.30
C GLU A 63 -0.67 -6.76 18.32
N THR A 64 0.53 -6.65 17.76
CA THR A 64 1.76 -6.50 18.53
C THR A 64 2.43 -5.21 18.07
N GLY A 65 3.37 -4.73 18.88
CA GLY A 65 4.19 -3.57 18.48
C GLY A 65 4.92 -3.85 17.18
N GLN A 66 5.48 -5.05 17.05
N GLN A 66 5.48 -5.05 17.05
CA GLN A 66 6.21 -5.46 15.85
CA GLN A 66 6.22 -5.44 15.86
C GLN A 66 5.35 -5.35 14.59
C GLN A 66 5.35 -5.35 14.59
N GLU A 67 4.16 -5.93 14.64
CA GLU A 67 3.23 -5.87 13.50
C GLU A 67 2.82 -4.44 13.19
N THR A 68 2.54 -3.66 14.23
CA THR A 68 2.10 -2.28 14.03
C THR A 68 3.22 -1.45 13.41
N ALA A 69 4.44 -1.66 13.91
CA ALA A 69 5.62 -0.98 13.38
C ALA A 69 5.82 -1.26 11.89
N TYR A 70 5.74 -2.53 11.52
CA TYR A 70 5.90 -2.93 10.12
C TYR A 70 4.82 -2.33 9.23
N PHE A 71 3.58 -2.35 9.72
CA PHE A 71 2.44 -1.76 9.00
C PHE A 71 2.65 -0.27 8.73
N LEU A 72 3.14 0.45 9.74
CA LEU A 72 3.40 1.88 9.62
C LEU A 72 4.54 2.17 8.65
N LEU A 73 5.58 1.33 8.68
CA LEU A 73 6.67 1.46 7.72
C LEU A 73 6.14 1.34 6.29
N LYS A 74 5.31 0.34 6.05
CA LYS A 74 4.70 0.14 4.73
CA LYS A 74 4.71 0.14 4.73
C LYS A 74 3.89 1.37 4.32
N LEU A 75 3.05 1.84 5.23
CA LEU A 75 2.17 2.97 4.96
C LEU A 75 2.96 4.21 4.57
N ALA A 76 3.99 4.50 5.34
CA ALA A 76 4.77 5.73 5.17
C ALA A 76 5.65 5.71 3.92
N GLY A 77 5.95 4.52 3.42
CA GLY A 77 6.66 4.39 2.15
C GLY A 77 5.76 4.67 0.96
N ARG A 78 4.45 4.61 1.18
CA ARG A 78 3.45 4.67 0.11
C ARG A 78 2.67 5.98 0.04
N TRP A 79 2.52 6.66 1.18
CA TRP A 79 1.87 7.97 1.29
C TRP A 79 2.71 8.86 2.18
N PRO A 80 2.56 10.20 2.06
CA PRO A 80 3.37 11.10 2.88
C PRO A 80 2.76 11.25 4.27
N VAL A 81 3.11 10.31 5.15
CA VAL A 81 2.56 10.21 6.49
C VAL A 81 3.35 11.09 7.45
N LYS A 82 2.71 12.13 7.95
N LYS A 82 2.72 12.14 7.96
CA LYS A 82 3.35 13.09 8.85
CA LYS A 82 3.39 13.08 8.86
C LYS A 82 3.04 12.82 10.32
C LYS A 82 3.04 12.83 10.32
N THR A 83 1.79 12.49 10.58
CA THR A 83 1.30 12.29 11.94
C THR A 83 0.42 11.06 11.99
N VAL A 84 0.64 10.22 13.00
CA VAL A 84 -0.23 9.05 13.22
CA VAL A 84 -0.21 9.07 13.23
C VAL A 84 -0.81 9.13 14.62
N HIS A 85 -2.14 9.11 14.69
N HIS A 85 -2.14 9.10 14.68
CA HIS A 85 -2.84 8.94 15.95
CA HIS A 85 -2.85 8.94 15.94
C HIS A 85 -2.94 7.46 16.21
C HIS A 85 -2.95 7.45 16.20
N THR A 86 -2.21 6.99 17.21
CA THR A 86 -2.16 5.55 17.53
CA THR A 86 -2.15 5.56 17.53
C THR A 86 -3.49 5.10 18.11
N ASP A 87 -3.77 3.81 17.96
CA ASP A 87 -5.08 3.25 18.29
C ASP A 87 -5.28 2.91 19.76
N ASN A 88 -4.18 2.77 20.49
CA ASN A 88 -4.21 2.45 21.91
C ASN A 88 -2.88 2.77 22.60
N GLY A 89 -2.87 2.65 23.92
CA GLY A 89 -1.71 3.05 24.70
C GLY A 89 -0.54 2.09 24.60
N SER A 90 -0.82 0.82 24.31
CA SER A 90 0.23 -0.17 24.13
C SER A 90 1.06 0.17 22.90
N ASN A 91 0.39 0.46 21.80
CA ASN A 91 1.11 0.89 20.58
C ASN A 91 1.76 2.26 20.73
N PHE A 92 1.15 3.13 21.52
CA PHE A 92 1.73 4.45 21.78
C PHE A 92 3.05 4.31 22.54
N THR A 93 3.05 3.38 23.49
CA THR A 93 4.21 3.12 24.36
C THR A 93 5.30 2.29 23.69
N SER A 94 4.89 1.38 22.82
CA SER A 94 5.79 0.41 22.19
C SER A 94 7.10 1.01 21.65
N THR A 95 8.23 0.48 22.12
CA THR A 95 9.53 0.94 21.63
C THR A 95 9.72 0.65 20.15
N THR A 96 9.19 -0.48 19.70
CA THR A 96 9.27 -0.87 18.29
CA THR A 96 9.27 -0.87 18.29
C THR A 96 8.44 0.07 17.41
N VAL A 97 7.25 0.43 17.87
CA VAL A 97 6.44 1.40 17.14
C VAL A 97 7.15 2.76 17.12
N LYS A 98 7.70 3.17 18.25
CA LYS A 98 8.44 4.43 18.32
C LYS A 98 9.63 4.42 17.36
N ALA A 99 10.32 3.29 17.28
CA ALA A 99 11.46 3.12 16.37
C ALA A 99 11.04 3.28 14.92
N ALA A 100 9.91 2.68 14.56
CA ALA A 100 9.41 2.79 13.19
C ALA A 100 9.00 4.21 12.84
N CYS A 101 8.34 4.88 13.79
CA CYS A 101 7.93 6.27 13.59
C CYS A 101 9.17 7.16 13.43
N TRP A 102 10.18 6.94 14.27
CA TRP A 102 11.45 7.66 14.12
C TRP A 102 12.04 7.42 12.72
N TRP A 103 12.14 6.15 12.35
CA TRP A 103 12.77 5.79 11.08
C TRP A 103 12.06 6.49 9.91
N ALA A 104 10.73 6.41 9.91
CA ALA A 104 9.90 6.92 8.81
C ALA A 104 9.53 8.41 8.88
N GLY A 105 10.01 9.11 9.90
CA GLY A 105 9.73 10.56 10.03
C GLY A 105 8.30 10.87 10.41
N ILE A 106 7.69 10.00 11.20
CA ILE A 106 6.30 10.14 11.62
C ILE A 106 6.23 10.67 13.04
N LYS A 107 5.42 11.71 13.23
CA LYS A 107 5.09 12.18 14.57
CA LYS A 107 5.08 12.18 14.58
C LYS A 107 4.02 11.27 15.15
N GLN A 108 4.38 10.55 16.20
N GLN A 108 4.40 10.54 16.20
CA GLN A 108 3.49 9.62 16.85
CA GLN A 108 3.49 9.61 16.85
C GLN A 108 2.69 10.37 17.92
C GLN A 108 2.69 10.36 17.91
N GLU A 109 1.37 10.29 17.82
CA GLU A 109 0.49 10.96 18.77
C GLU A 109 -0.48 9.96 19.39
N ASP A 110 -1.09 10.36 20.49
CA ASP A 110 -2.19 9.56 21.05
C ASP A 110 -3.42 9.68 20.13
N GLY A 111 -4.41 8.83 20.38
CA GLY A 111 -5.62 8.77 19.55
C GLY A 111 -6.87 9.07 20.35
N ILE A 112 -6.71 9.85 21.42
CA ILE A 112 -7.81 10.20 22.31
CA ILE A 112 -7.83 10.17 22.31
C ILE A 112 -8.77 11.12 21.58
N PRO A 113 -10.05 10.72 21.44
CA PRO A 113 -11.01 11.59 20.77
C PRO A 113 -11.41 12.79 21.61
N TYR A 114 -10.59 13.84 21.54
CA TYR A 114 -10.92 15.14 22.16
C TYR A 114 -12.21 15.67 21.53
N ASN A 115 -12.36 15.46 20.21
N ASN A 115 -12.36 15.45 20.22
CA ASN A 115 -13.65 15.61 19.53
CA ASN A 115 -13.63 15.60 19.53
C ASN A 115 -14.37 14.26 19.57
C ASN A 115 -14.37 14.26 19.56
N PRO A 116 -15.47 14.16 20.35
CA PRO A 116 -16.15 12.86 20.54
C PRO A 116 -16.80 12.21 19.30
N GLN A 117 -17.08 12.99 18.27
CA GLN A 117 -17.60 12.44 17.00
C GLN A 117 -16.60 11.49 16.33
N SER A 118 -15.37 11.46 16.83
CA SER A 118 -14.31 10.60 16.29
C SER A 118 -14.53 9.11 16.56
N GLN A 119 -14.86 8.75 17.80
CA GLN A 119 -15.08 7.33 18.17
C GLN A 119 -16.18 6.76 17.28
N GLY A 120 -17.27 7.50 17.17
CA GLY A 120 -18.43 7.10 16.38
C GLY A 120 -18.13 6.92 14.91
N VAL A 121 -17.25 7.78 14.38
CA VAL A 121 -16.83 7.69 12.97
C VAL A 121 -16.00 6.43 12.72
N ILE A 122 -15.08 6.14 13.65
N ILE A 122 -15.07 6.15 13.63
CA ILE A 122 -14.26 4.90 13.61
CA ILE A 122 -14.29 4.92 13.55
C ILE A 122 -15.17 3.67 13.72
C ILE A 122 -15.16 3.67 13.72
N GLU A 123 -16.09 3.74 14.68
CA GLU A 123 -17.06 2.67 14.93
C GLU A 123 -17.88 2.36 13.68
N SER A 124 -18.39 3.43 13.09
CA SER A 124 -19.15 3.36 11.85
C SER A 124 -18.34 2.74 10.71
N MET A 125 -17.06 3.11 10.62
N MET A 125 -17.06 3.10 10.63
CA MET A 125 -16.19 2.57 9.56
CA MET A 125 -16.20 2.57 9.58
C MET A 125 -15.92 1.07 9.76
C MET A 125 -15.93 1.08 9.77
N ASN A 126 -15.70 0.67 11.00
CA ASN A 126 -15.51 -0.76 11.31
C ASN A 126 -16.74 -1.59 10.95
N LYS A 127 -17.92 -1.06 11.28
CA LYS A 127 -19.17 -1.71 10.93
C LYS A 127 -19.32 -1.82 9.41
N GLU A 128 -19.01 -0.73 8.71
N GLU A 128 -19.05 -0.72 8.71
CA GLU A 128 -19.03 -0.70 7.25
CA GLU A 128 -19.17 -0.69 7.25
C GLU A 128 -18.04 -1.70 6.66
C GLU A 128 -18.17 -1.67 6.63
N LEU A 129 -16.79 -1.70 7.14
N LEU A 129 -16.94 -1.66 7.12
CA LEU A 129 -15.79 -2.64 6.61
CA LEU A 129 -15.90 -2.58 6.63
C LEU A 129 -16.25 -4.08 6.82
C LEU A 129 -16.28 -4.05 6.81
N LYS A 130 -16.81 -4.38 7.98
CA LYS A 130 -17.26 -5.74 8.26
C LYS A 130 -18.44 -6.16 7.36
N LYS A 131 -19.30 -5.20 7.06
CA LYS A 131 -20.44 -5.42 6.16
C LYS A 131 -19.95 -5.77 4.76
N ILE A 132 -18.99 -5.00 4.26
CA ILE A 132 -18.40 -5.27 2.94
C ILE A 132 -17.71 -6.64 2.96
N ILE A 133 -16.94 -6.90 4.00
CA ILE A 133 -16.28 -8.19 4.13
C ILE A 133 -17.31 -9.33 4.03
N GLY A 134 -18.46 -9.17 4.69
CA GLY A 134 -19.52 -10.17 4.61
C GLY A 134 -20.04 -10.35 3.20
N GLN A 135 -20.15 -9.24 2.48
CA GLN A 135 -20.67 -9.24 1.11
C GLN A 135 -19.73 -9.92 0.10
N VAL A 136 -18.44 -9.97 0.42
CA VAL A 136 -17.45 -10.62 -0.47
C VAL A 136 -16.90 -11.93 0.08
N ARG A 137 -17.20 -12.22 1.35
CA ARG A 137 -16.50 -13.30 2.06
C ARG A 137 -16.47 -14.63 1.29
N ASP A 138 -17.58 -14.96 0.61
CA ASP A 138 -17.68 -16.22 -0.15
C ASP A 138 -16.85 -16.25 -1.45
N GLN A 139 -16.37 -15.10 -1.89
CA GLN A 139 -15.56 -15.01 -3.12
C GLN A 139 -14.08 -15.31 -2.86
N ALA A 140 -13.72 -15.41 -1.59
CA ALA A 140 -12.35 -15.62 -1.16
C ALA A 140 -12.27 -16.74 -0.14
N GLU A 141 -11.26 -17.58 -0.25
CA GLU A 141 -11.01 -18.59 0.78
C GLU A 141 -10.51 -17.92 2.07
N HIS A 142 -9.58 -16.98 1.92
CA HIS A 142 -8.87 -16.41 3.07
C HIS A 142 -9.38 -15.03 3.45
N LEU A 143 -9.47 -14.77 4.75
CA LEU A 143 -9.96 -13.47 5.24
C LEU A 143 -9.15 -12.33 4.67
N LYS A 144 -7.83 -12.49 4.57
CA LYS A 144 -6.98 -11.39 4.10
C LYS A 144 -7.41 -10.91 2.71
N THR A 145 -7.81 -11.84 1.86
CA THR A 145 -8.31 -11.50 0.52
C THR A 145 -9.60 -10.70 0.60
N ALA A 146 -10.53 -11.15 1.43
CA ALA A 146 -11.79 -10.44 1.65
C ALA A 146 -11.55 -9.02 2.18
N VAL A 147 -10.59 -8.89 3.09
CA VAL A 147 -10.23 -7.57 3.62
C VAL A 147 -9.70 -6.66 2.51
N GLN A 148 -8.86 -7.18 1.63
CA GLN A 148 -8.34 -6.35 0.53
C GLN A 148 -9.44 -6.00 -0.49
N MET A 149 -10.39 -6.90 -0.70
CA MET A 149 -11.57 -6.58 -1.51
C MET A 149 -12.36 -5.45 -0.87
N ALA A 150 -12.50 -5.51 0.45
CA ALA A 150 -13.19 -4.47 1.20
C ALA A 150 -12.48 -3.12 1.11
N VAL A 151 -11.15 -3.13 1.20
CA VAL A 151 -10.35 -1.91 1.03
C VAL A 151 -10.64 -1.31 -0.35
N PHE A 152 -10.59 -2.15 -1.37
CA PHE A 152 -10.86 -1.72 -2.75
C PHE A 152 -12.23 -1.05 -2.85
N ILE A 153 -13.26 -1.76 -2.40
CA ILE A 153 -14.63 -1.25 -2.49
C ILE A 153 -14.77 0.05 -1.71
N HIS A 154 -14.23 0.08 -0.49
CA HIS A 154 -14.30 1.29 0.32
C HIS A 154 -13.66 2.50 -0.36
N ASN A 155 -12.45 2.32 -0.89
CA ASN A 155 -11.70 3.45 -1.44
C ASN A 155 -12.24 3.95 -2.77
N HIS A 156 -12.98 3.09 -3.48
CA HIS A 156 -13.57 3.46 -4.79
C HIS A 156 -14.99 3.98 -4.66
N LYS A 157 -15.62 3.76 -3.51
CA LYS A 157 -17.05 4.09 -3.32
C LYS A 157 -17.30 5.58 -3.49
N ARG A 158 -18.22 5.92 -4.40
CA ARG A 158 -18.55 7.31 -4.67
C ARG A 158 -19.58 7.84 -3.68
N LYS A 159 -19.26 8.98 -3.07
CA LYS A 159 -20.09 9.57 -2.01
C LYS A 159 -20.52 10.99 -2.38
N GLY A 164 -19.95 13.59 -7.00
CA GLY A 164 -19.47 12.92 -5.80
C GLY A 164 -18.11 12.27 -6.02
N TYR A 165 -17.24 12.40 -5.01
CA TYR A 165 -15.89 11.87 -5.09
C TYR A 165 -15.74 10.62 -4.24
N SER A 166 -14.75 9.79 -4.59
CA SER A 166 -14.38 8.64 -3.76
C SER A 166 -13.28 9.06 -2.79
N ALA A 167 -13.06 8.22 -1.78
CA ALA A 167 -12.00 8.45 -0.81
C ALA A 167 -10.63 8.48 -1.52
N GLY A 168 -10.44 7.63 -2.51
CA GLY A 168 -9.21 7.60 -3.29
C GLY A 168 -8.97 8.89 -4.05
N GLU A 169 -10.04 9.42 -4.64
CA GLU A 169 -9.96 10.70 -5.31
C GLU A 169 -9.66 11.82 -4.32
N ARG A 170 -10.31 11.80 -3.17
CA ARG A 170 -10.13 12.84 -2.16
C ARG A 170 -8.70 12.88 -1.64
N ILE A 171 -8.11 11.73 -1.34
CA ILE A 171 -6.74 11.74 -0.79
C ILE A 171 -5.74 12.30 -1.80
N VAL A 172 -5.86 11.89 -3.06
CA VAL A 172 -4.98 12.38 -4.12
C VAL A 172 -5.12 13.90 -4.26
N ASP A 173 -6.36 14.38 -4.34
CA ASP A 173 -6.63 15.81 -4.47
CA ASP A 173 -6.64 15.82 -4.48
C ASP A 173 -6.07 16.61 -3.29
N ILE A 174 -6.31 16.12 -2.08
CA ILE A 174 -5.82 16.78 -0.87
C ILE A 174 -4.30 16.89 -0.86
N ILE A 175 -3.62 15.79 -1.19
CA ILE A 175 -2.16 15.78 -1.15
C ILE A 175 -1.56 16.64 -2.28
N ALA A 176 -2.17 16.55 -3.46
CA ALA A 176 -1.70 17.32 -4.63
C ALA A 176 -1.81 18.82 -4.38
N THR A 177 -2.91 19.23 -3.75
CA THR A 177 -3.12 20.63 -3.38
C THR A 177 -2.04 21.09 -2.40
N ASP A 178 -1.66 20.20 -1.48
CA ASP A 178 -0.60 20.47 -0.50
C ASP A 178 0.77 20.64 -1.16
N ILE A 179 1.14 19.67 -2.00
CA ILE A 179 2.43 19.69 -2.70
C ILE A 179 2.61 20.96 -3.53
N GLN A 180 1.55 21.32 -4.27
CA GLN A 180 1.60 22.46 -5.19
C GLN A 180 1.62 23.80 -4.47
N SER B 28 -2.06 6.87 -19.47
CA SER B 28 -0.77 6.98 -18.72
C SER B 28 -0.87 7.05 -17.19
N PRO B 29 -1.84 7.80 -16.63
CA PRO B 29 -1.96 7.81 -15.16
C PRO B 29 -2.23 6.43 -14.54
N GLY B 30 -2.89 5.56 -15.28
CA GLY B 30 -3.31 4.25 -14.75
C GLY B 30 -2.43 3.06 -15.11
N ILE B 31 -1.27 3.31 -15.72
CA ILE B 31 -0.40 2.23 -16.22
C ILE B 31 0.68 1.81 -15.22
N TRP B 32 0.70 0.53 -14.89
CA TRP B 32 1.68 -0.06 -13.99
C TRP B 32 2.39 -1.22 -14.66
N GLN B 33 3.60 -1.50 -14.19
CA GLN B 33 4.42 -2.60 -14.70
CA GLN B 33 4.38 -2.63 -14.69
C GLN B 33 4.84 -3.50 -13.54
N LEU B 34 4.64 -4.80 -13.69
CA LEU B 34 5.12 -5.77 -12.71
C LEU B 34 6.57 -6.12 -12.98
N ASP B 35 7.28 -6.43 -11.92
CA ASP B 35 8.71 -6.73 -11.96
C ASP B 35 9.01 -7.70 -10.82
N CYS B 36 9.69 -8.79 -11.14
CA CYS B 36 10.04 -9.79 -10.16
C CYS B 36 11.56 -9.90 -10.13
N THR B 37 12.14 -9.71 -8.95
CA THR B 37 13.58 -9.83 -8.75
C THR B 37 13.87 -10.73 -7.54
N HIS B 38 15.12 -11.21 -7.44
CA HIS B 38 15.49 -12.22 -6.44
C HIS B 38 16.62 -11.75 -5.54
N LEU B 39 16.52 -12.09 -4.26
CA LEU B 39 17.52 -11.77 -3.24
C LEU B 39 17.36 -12.70 -2.03
N GLU B 40 18.49 -13.18 -1.50
CA GLU B 40 18.51 -14.07 -0.32
C GLU B 40 17.63 -15.33 -0.47
N GLY B 41 17.61 -15.87 -1.68
CA GLY B 41 16.79 -17.04 -1.99
C GLY B 41 15.29 -16.76 -1.97
N LYS B 42 14.94 -15.49 -1.91
CA LYS B 42 13.55 -15.06 -1.85
C LYS B 42 13.23 -14.24 -3.08
N VAL B 43 11.96 -13.95 -3.24
CA VAL B 43 11.43 -13.25 -4.40
C VAL B 43 10.87 -11.91 -3.94
N ILE B 44 11.23 -10.85 -4.66
CA ILE B 44 10.70 -9.51 -4.40
C ILE B 44 9.83 -9.15 -5.60
N LEU B 45 8.54 -8.96 -5.34
CA LEU B 45 7.60 -8.59 -6.36
C LEU B 45 7.36 -7.08 -6.29
N VAL B 46 7.52 -6.41 -7.42
CA VAL B 46 7.47 -4.95 -7.47
C VAL B 46 6.43 -4.52 -8.51
N ALA B 47 5.66 -3.51 -8.17
CA ALA B 47 4.81 -2.82 -9.14
C ALA B 47 5.33 -1.41 -9.30
N VAL B 48 5.61 -1.01 -10.53
N VAL B 48 5.63 -1.01 -10.52
CA VAL B 48 6.08 0.34 -10.82
CA VAL B 48 6.10 0.36 -10.79
C VAL B 48 5.03 1.11 -11.59
C VAL B 48 5.06 1.12 -11.60
N HIS B 49 4.74 2.33 -11.12
CA HIS B 49 3.86 3.24 -11.85
C HIS B 49 4.74 3.90 -12.90
N VAL B 50 4.50 3.55 -14.15
CA VAL B 50 5.49 3.78 -15.22
C VAL B 50 5.81 5.28 -15.39
N ALA B 51 4.78 6.12 -15.35
CA ALA B 51 4.95 7.56 -15.58
C ALA B 51 5.71 8.32 -14.48
N SER B 52 5.68 7.81 -13.25
CA SER B 52 6.31 8.47 -12.09
C SER B 52 7.55 7.77 -11.51
N GLY B 53 7.65 6.46 -11.70
CA GLY B 53 8.68 5.64 -11.05
C GLY B 53 8.35 5.23 -9.62
N TYR B 54 7.14 5.57 -9.17
CA TYR B 54 6.67 5.21 -7.83
C TYR B 54 6.49 3.69 -7.78
N ILE B 55 6.83 3.09 -6.65
CA ILE B 55 6.72 1.63 -6.49
C ILE B 55 5.99 1.18 -5.24
N GLU B 56 5.42 -0.01 -5.34
CA GLU B 56 5.05 -0.81 -4.18
C GLU B 56 5.74 -2.16 -4.37
N ALA B 57 6.10 -2.80 -3.26
CA ALA B 57 6.83 -4.08 -3.32
C ALA B 57 6.52 -4.94 -2.12
N GLU B 58 6.69 -6.25 -2.31
CA GLU B 58 6.49 -7.23 -1.25
CA GLU B 58 6.50 -7.24 -1.26
C GLU B 58 7.50 -8.37 -1.45
N VAL B 59 7.87 -9.01 -0.35
CA VAL B 59 8.64 -10.24 -0.41
C VAL B 59 7.67 -11.42 -0.35
N ILE B 60 7.86 -12.38 -1.25
CA ILE B 60 7.08 -13.62 -1.24
C ILE B 60 8.05 -14.79 -1.35
N PRO B 61 7.63 -15.99 -0.89
CA PRO B 61 8.57 -17.12 -0.94
C PRO B 61 8.88 -17.55 -2.37
N ALA B 62 7.89 -17.43 -3.25
CA ALA B 62 8.07 -17.74 -4.68
C ALA B 62 6.98 -17.03 -5.48
N GLU B 63 7.26 -16.72 -6.76
N GLU B 63 7.29 -16.69 -6.73
CA GLU B 63 6.27 -16.03 -7.61
CA GLU B 63 6.29 -16.10 -7.61
C GLU B 63 5.24 -16.96 -8.24
C GLU B 63 5.34 -17.22 -8.01
N THR B 64 4.10 -17.08 -7.59
CA THR B 64 3.00 -17.91 -8.04
C THR B 64 1.89 -17.00 -8.56
N GLY B 65 0.96 -17.56 -9.32
CA GLY B 65 -0.23 -16.84 -9.75
C GLY B 65 -1.01 -16.32 -8.56
N GLN B 66 -1.17 -17.16 -7.54
N GLN B 66 -1.18 -17.16 -7.53
CA GLN B 66 -1.89 -16.78 -6.33
CA GLN B 66 -1.87 -16.80 -6.29
C GLN B 66 -1.29 -15.54 -5.65
C GLN B 66 -1.29 -15.54 -5.65
N GLU B 67 0.02 -15.55 -5.45
CA GLU B 67 0.71 -14.40 -4.83
C GLU B 67 0.59 -13.16 -5.70
N THR B 68 0.75 -13.32 -7.00
CA THR B 68 0.69 -12.18 -7.92
C THR B 68 -0.71 -11.59 -7.92
N ALA B 69 -1.72 -12.46 -7.93
CA ALA B 69 -3.12 -12.04 -7.89
C ALA B 69 -3.43 -11.22 -6.64
N TYR B 70 -2.99 -11.72 -5.48
CA TYR B 70 -3.21 -11.03 -4.21
C TYR B 70 -2.52 -9.66 -4.19
N PHE B 71 -1.29 -9.63 -4.68
CA PHE B 71 -0.51 -8.39 -4.77
C PHE B 71 -1.23 -7.33 -5.62
N LEU B 72 -1.77 -7.75 -6.76
CA LEU B 72 -2.49 -6.85 -7.66
C LEU B 72 -3.79 -6.36 -7.03
N LEU B 73 -4.48 -7.24 -6.31
CA LEU B 73 -5.69 -6.83 -5.59
C LEU B 73 -5.36 -5.72 -4.59
N LYS B 74 -4.29 -5.90 -3.83
CA LYS B 74 -3.85 -4.89 -2.87
CA LYS B 74 -3.87 -4.88 -2.87
C LYS B 74 -3.53 -3.57 -3.58
N LEU B 75 -2.77 -3.65 -4.66
CA LEU B 75 -2.34 -2.47 -5.39
C LEU B 75 -3.53 -1.67 -5.89
N ALA B 76 -4.49 -2.38 -6.49
CA ALA B 76 -5.65 -1.73 -7.14
C ALA B 76 -6.64 -1.14 -6.15
N GLY B 77 -6.59 -1.62 -4.90
CA GLY B 77 -7.40 -1.02 -3.84
C GLY B 77 -6.83 0.29 -3.35
N ARG B 78 -5.54 0.51 -3.65
CA ARG B 78 -4.78 1.62 -3.10
C ARG B 78 -4.48 2.75 -4.09
N TRP B 79 -4.40 2.40 -5.37
CA TRP B 79 -4.19 3.36 -6.47
C TRP B 79 -5.14 3.01 -7.62
N PRO B 80 -5.45 3.98 -8.49
CA PRO B 80 -6.38 3.70 -9.58
C PRO B 80 -5.66 2.99 -10.74
N VAL B 81 -5.57 1.68 -10.63
CA VAL B 81 -4.82 0.83 -11.56
C VAL B 81 -5.73 0.44 -12.73
N LYS B 82 -5.38 0.95 -13.91
N LYS B 82 -5.41 0.93 -13.92
CA LYS B 82 -6.18 0.69 -15.12
CA LYS B 82 -6.21 0.63 -15.10
C LYS B 82 -5.58 -0.41 -15.98
C LYS B 82 -5.58 -0.42 -16.00
N THR B 83 -4.25 -0.41 -16.10
CA THR B 83 -3.55 -1.34 -16.97
C THR B 83 -2.32 -1.85 -16.24
N VAL B 84 -2.11 -3.16 -16.31
CA VAL B 84 -0.91 -3.77 -15.78
CA VAL B 84 -0.88 -3.75 -15.78
C VAL B 84 -0.16 -4.53 -16.86
N HIS B 85 1.10 -4.18 -17.08
CA HIS B 85 1.98 -4.95 -17.93
C HIS B 85 2.59 -6.03 -17.05
N THR B 86 2.19 -7.28 -17.30
CA THR B 86 2.65 -8.41 -16.50
CA THR B 86 2.63 -8.40 -16.50
C THR B 86 4.12 -8.68 -16.76
N ASP B 87 4.78 -9.28 -15.78
CA ASP B 87 6.24 -9.45 -15.79
C ASP B 87 6.74 -10.66 -16.58
N ASN B 88 5.84 -11.61 -16.83
CA ASN B 88 6.19 -12.82 -17.59
C ASN B 88 4.94 -13.54 -18.10
N GLY B 89 5.16 -14.55 -18.92
CA GLY B 89 4.05 -15.24 -19.58
C GLY B 89 3.25 -16.13 -18.67
N SER B 90 3.87 -16.61 -17.60
CA SER B 90 3.19 -17.45 -16.62
C SER B 90 2.13 -16.63 -15.90
N ASN B 91 2.50 -15.45 -15.44
CA ASN B 91 1.51 -14.54 -14.81
C ASN B 91 0.48 -14.00 -15.80
N PHE B 92 0.89 -13.82 -17.04
CA PHE B 92 -0.03 -13.38 -18.08
C PHE B 92 -1.12 -14.44 -18.33
N THR B 93 -0.69 -15.69 -18.30
CA THR B 93 -1.56 -16.84 -18.56
C THR B 93 -2.42 -17.23 -17.36
N SER B 94 -1.87 -17.06 -16.16
CA SER B 94 -2.49 -17.50 -14.91
C SER B 94 -3.97 -17.16 -14.79
N THR B 95 -4.80 -18.18 -14.57
CA THR B 95 -6.24 -17.97 -14.39
C THR B 95 -6.54 -17.16 -13.13
N THR B 96 -5.74 -17.37 -12.09
CA THR B 96 -5.89 -16.63 -10.83
CA THR B 96 -5.87 -16.64 -10.83
C THR B 96 -5.54 -15.16 -11.02
N VAL B 97 -4.47 -14.88 -11.75
CA VAL B 97 -4.12 -13.49 -12.05
C VAL B 97 -5.22 -12.86 -12.91
N LYS B 98 -5.72 -13.59 -13.91
CA LYS B 98 -6.80 -13.09 -14.75
C LYS B 98 -8.06 -12.79 -13.92
N ALA B 99 -8.34 -13.65 -12.97
CA ALA B 99 -9.49 -13.48 -12.05
C ALA B 99 -9.35 -12.21 -11.21
N ALA B 100 -8.16 -11.97 -10.71
CA ALA B 100 -7.90 -10.77 -9.92
C ALA B 100 -8.03 -9.51 -10.75
N CYS B 101 -7.50 -9.54 -11.97
CA CYS B 101 -7.59 -8.41 -12.87
C CYS B 101 -9.05 -8.13 -13.24
N TRP B 102 -9.81 -9.18 -13.50
CA TRP B 102 -11.24 -9.03 -13.75
C TRP B 102 -11.92 -8.39 -12.53
N TRP B 103 -11.67 -8.95 -11.35
CA TRP B 103 -12.31 -8.47 -10.13
C TRP B 103 -12.04 -6.98 -9.94
N ALA B 104 -10.77 -6.61 -10.06
CA ALA B 104 -10.31 -5.24 -9.77
C ALA B 104 -10.44 -4.24 -10.93
N GLY B 105 -10.96 -4.68 -12.08
CA GLY B 105 -11.16 -3.78 -13.23
C GLY B 105 -9.85 -3.38 -13.91
N ILE B 106 -8.89 -4.29 -13.91
CA ILE B 106 -7.57 -4.06 -14.50
C ILE B 106 -7.50 -4.71 -15.87
N LYS B 107 -7.03 -3.95 -16.86
CA LYS B 107 -6.67 -4.50 -18.16
CA LYS B 107 -6.69 -4.51 -18.16
C LYS B 107 -5.32 -5.15 -18.05
N GLN B 108 -5.27 -6.45 -18.22
N GLN B 108 -5.27 -6.46 -18.20
CA GLN B 108 -4.04 -7.21 -18.13
CA GLN B 108 -4.02 -7.18 -18.12
C GLN B 108 -3.39 -7.24 -19.52
C GLN B 108 -3.39 -7.24 -19.51
N GLU B 109 -2.14 -6.79 -19.58
CA GLU B 109 -1.39 -6.77 -20.83
C GLU B 109 -0.08 -7.53 -20.68
N ASP B 110 0.54 -7.86 -21.80
CA ASP B 110 1.89 -8.40 -21.77
C ASP B 110 2.88 -7.28 -21.40
N GLY B 111 4.12 -7.66 -21.11
CA GLY B 111 5.14 -6.72 -20.66
C GLY B 111 6.34 -6.69 -21.59
N ILE B 112 6.08 -6.99 -22.86
CA ILE B 112 7.13 -7.05 -23.88
C ILE B 112 7.64 -5.63 -24.16
N PRO B 113 8.95 -5.39 -23.97
CA PRO B 113 9.49 -4.07 -24.26
C PRO B 113 9.60 -3.78 -25.75
N TYR B 114 8.49 -3.33 -26.34
CA TYR B 114 8.48 -2.84 -27.72
C TYR B 114 9.44 -1.66 -27.85
N ASN B 115 9.46 -0.81 -26.83
N ASN B 115 9.49 -0.82 -26.82
CA ASN B 115 10.54 0.17 -26.65
CA ASN B 115 10.53 0.20 -26.68
C ASN B 115 11.64 -0.47 -25.81
C ASN B 115 11.66 -0.37 -25.80
N PRO B 116 12.81 -0.74 -26.41
CA PRO B 116 13.88 -1.48 -25.71
C PRO B 116 14.51 -0.79 -24.50
N GLN B 117 14.38 0.52 -24.39
CA GLN B 117 14.87 1.25 -23.20
C GLN B 117 14.13 0.82 -21.91
N SER B 118 13.06 0.05 -22.06
CA SER B 118 12.26 -0.45 -20.94
C SER B 118 12.97 -1.51 -20.09
N GLN B 119 13.57 -2.51 -20.73
CA GLN B 119 14.28 -3.58 -20.00
C GLN B 119 15.36 -2.95 -19.13
N GLY B 120 16.14 -2.06 -19.74
CA GLY B 120 17.25 -1.38 -19.08
C GLY B 120 16.80 -0.54 -17.89
N VAL B 121 15.64 0.10 -18.02
CA VAL B 121 15.07 0.90 -16.93
C VAL B 121 14.66 0.01 -15.75
N ILE B 122 14.01 -1.12 -16.04
N ILE B 122 14.03 -1.12 -16.03
CA ILE B 122 13.64 -2.13 -15.04
CA ILE B 122 13.64 -2.07 -14.97
C ILE B 122 14.90 -2.70 -14.36
C ILE B 122 14.88 -2.75 -14.36
N GLU B 123 15.88 -3.02 -15.19
CA GLU B 123 17.15 -3.58 -14.72
C GLU B 123 17.85 -2.60 -13.79
N SER B 124 17.91 -1.35 -14.21
CA SER B 124 18.46 -0.26 -13.40
C SER B 124 17.73 -0.10 -12.06
N MET B 125 16.41 -0.22 -12.08
N MET B 125 16.41 -0.22 -12.12
CA MET B 125 15.63 -0.08 -10.85
CA MET B 125 15.55 -0.14 -10.93
C MET B 125 15.88 -1.25 -9.89
C MET B 125 15.87 -1.24 -9.92
N ASN B 126 15.98 -2.47 -10.42
CA ASN B 126 16.30 -3.64 -9.59
C ASN B 126 17.67 -3.50 -8.93
N LYS B 127 18.64 -3.01 -9.70
CA LYS B 127 19.98 -2.77 -9.17
CA LYS B 127 19.98 -2.78 -9.15
C LYS B 127 19.94 -1.70 -8.06
N GLU B 128 19.20 -0.63 -8.33
N GLU B 128 19.32 -0.57 -8.38
CA GLU B 128 18.99 0.44 -7.34
CA GLU B 128 19.30 0.59 -7.47
C GLU B 128 18.33 -0.10 -6.08
C GLU B 128 18.58 0.23 -6.18
N LEU B 129 17.21 -0.84 -6.23
N LEU B 129 17.58 -0.65 -6.33
CA LEU B 129 16.51 -1.36 -5.07
CA LEU B 129 16.76 -1.15 -5.21
C LEU B 129 17.43 -2.26 -4.24
C LEU B 129 17.51 -2.14 -4.30
N LYS B 130 18.22 -3.09 -4.92
CA LYS B 130 19.11 -4.00 -4.19
C LYS B 130 20.21 -3.25 -3.44
N LYS B 131 20.68 -2.15 -4.04
CA LYS B 131 21.68 -1.28 -3.44
C LYS B 131 21.13 -0.66 -2.14
N ILE B 132 19.91 -0.14 -2.21
CA ILE B 132 19.27 0.44 -1.03
C ILE B 132 19.06 -0.64 0.02
N ILE B 133 18.57 -1.80 -0.40
CA ILE B 133 18.41 -2.91 0.54
C ILE B 133 19.72 -3.22 1.27
N GLY B 134 20.83 -3.22 0.54
CA GLY B 134 22.13 -3.44 1.14
C GLY B 134 22.47 -2.38 2.17
N GLN B 135 22.11 -1.13 1.87
CA GLN B 135 22.41 0.01 2.73
C GLN B 135 21.61 -0.01 4.04
N VAL B 136 20.46 -0.67 4.05
CA VAL B 136 19.62 -0.77 5.26
C VAL B 136 19.60 -2.16 5.89
N ARG B 137 20.16 -3.15 5.18
CA ARG B 137 19.96 -4.55 5.56
C ARG B 137 20.25 -4.83 7.03
N ASP B 138 21.28 -4.21 7.58
CA ASP B 138 21.68 -4.42 8.99
C ASP B 138 20.74 -3.77 10.02
N GLN B 139 19.85 -2.90 9.57
CA GLN B 139 18.88 -2.24 10.46
C GLN B 139 17.64 -3.08 10.71
N ALA B 140 17.51 -4.17 9.96
CA ALA B 140 16.34 -5.04 10.00
C ALA B 140 16.79 -6.49 10.10
N GLU B 141 16.09 -7.28 10.93
CA GLU B 141 16.32 -8.72 10.97
C GLU B 141 15.83 -9.38 9.68
N HIS B 142 14.64 -8.99 9.25
CA HIS B 142 13.94 -9.68 8.15
C HIS B 142 14.03 -8.91 6.82
N LEU B 143 14.22 -9.65 5.73
CA LEU B 143 14.33 -9.03 4.41
C LEU B 143 13.11 -8.17 4.10
N LYS B 144 11.93 -8.63 4.47
CA LYS B 144 10.71 -7.87 4.13
C LYS B 144 10.77 -6.45 4.68
N THR B 145 11.33 -6.29 5.87
CA THR B 145 11.49 -4.97 6.48
C THR B 145 12.45 -4.11 5.67
N ALA B 146 13.59 -4.69 5.29
CA ALA B 146 14.57 -3.99 4.45
C ALA B 146 13.96 -3.57 3.11
N VAL B 147 13.14 -4.44 2.53
CA VAL B 147 12.47 -4.10 1.27
C VAL B 147 11.52 -2.91 1.47
N GLN B 148 10.77 -2.89 2.57
CA GLN B 148 9.86 -1.75 2.80
C GLN B 148 10.63 -0.45 3.10
N MET B 149 11.79 -0.56 3.75
CA MET B 149 12.67 0.60 3.92
C MET B 149 13.13 1.11 2.56
N ALA B 150 13.47 0.18 1.67
CA ALA B 150 13.89 0.51 0.32
C ALA B 150 12.78 1.18 -0.48
N VAL B 151 11.56 0.69 -0.35
CA VAL B 151 10.39 1.31 -0.98
C VAL B 151 10.28 2.76 -0.51
N PHE B 152 10.36 2.95 0.80
CA PHE B 152 10.28 4.29 1.39
C PHE B 152 11.33 5.21 0.81
N ILE B 153 12.57 4.78 0.86
CA ILE B 153 13.69 5.62 0.36
C ILE B 153 13.51 5.91 -1.13
N HIS B 154 13.17 4.88 -1.91
CA HIS B 154 12.97 5.08 -3.34
C HIS B 154 11.88 6.12 -3.64
N ASN B 155 10.73 5.99 -2.98
CA ASN B 155 9.58 6.85 -3.29
C ASN B 155 9.74 8.28 -2.81
N HIS B 156 10.60 8.49 -1.82
CA HIS B 156 10.85 9.84 -1.27
C HIS B 156 12.04 10.52 -1.91
N LYS B 157 12.86 9.77 -2.64
CA LYS B 157 14.10 10.32 -3.21
C LYS B 157 13.83 11.46 -4.18
N ARG B 158 14.45 12.60 -3.92
CA ARG B 158 14.31 13.78 -4.75
C ARG B 158 15.22 13.67 -5.98
N LYS B 159 14.64 13.87 -7.15
CA LYS B 159 15.38 13.72 -8.42
C LYS B 159 15.30 15.01 -9.25
N GLY B 164 13.27 19.82 -8.01
CA GLY B 164 13.16 18.38 -8.21
C GLY B 164 12.03 17.77 -7.42
N TYR B 165 11.37 16.78 -8.02
CA TYR B 165 10.27 16.06 -7.37
C TYR B 165 10.66 14.63 -7.04
N SER B 166 9.96 14.05 -6.07
CA SER B 166 10.09 12.62 -5.77
C SER B 166 9.07 11.81 -6.57
N ALA B 167 9.28 10.50 -6.65
CA ALA B 167 8.33 9.63 -7.33
C ALA B 167 6.95 9.71 -6.68
N GLY B 168 6.91 9.82 -5.36
CA GLY B 168 5.64 9.96 -4.63
C GLY B 168 4.91 11.24 -5.00
N GLU B 169 5.66 12.32 -5.12
CA GLU B 169 5.07 13.58 -5.57
C GLU B 169 4.58 13.47 -7.00
N ARG B 170 5.35 12.84 -7.86
CA ARG B 170 4.98 12.72 -9.26
C ARG B 170 3.70 11.91 -9.45
N ILE B 171 3.57 10.78 -8.76
CA ILE B 171 2.36 9.97 -8.95
C ILE B 171 1.10 10.73 -8.51
N VAL B 172 1.17 11.42 -7.38
CA VAL B 172 0.03 12.17 -6.87
C VAL B 172 -0.34 13.27 -7.87
N ASP B 173 0.65 14.02 -8.33
CA ASP B 173 0.44 15.10 -9.31
CA ASP B 173 0.42 15.11 -9.29
C ASP B 173 -0.19 14.58 -10.60
N ILE B 174 0.36 13.49 -11.11
CA ILE B 174 -0.13 12.87 -12.35
C ILE B 174 -1.59 12.45 -12.22
N ILE B 175 -1.92 11.78 -11.12
CA ILE B 175 -3.28 11.27 -10.93
C ILE B 175 -4.27 12.42 -10.68
N ALA B 176 -3.85 13.41 -9.89
CA ALA B 176 -4.70 14.56 -9.57
C ALA B 176 -5.05 15.36 -10.83
N THR B 177 -4.06 15.51 -11.69
CA THR B 177 -4.27 16.19 -12.98
C THR B 177 -5.29 15.43 -13.83
N ASP B 178 -5.23 14.10 -13.77
CA ASP B 178 -6.16 13.24 -14.49
C ASP B 178 -7.59 13.36 -13.97
N ILE B 179 -7.74 13.24 -12.65
CA ILE B 179 -9.06 13.32 -12.00
C ILE B 179 -9.75 14.66 -12.31
N GLN B 180 -8.98 15.74 -12.22
CA GLN B 180 -9.54 17.10 -12.38
C GLN B 180 -9.89 17.40 -13.84
S SO4 C . -13.87 -4.82 17.47
O1 SO4 C . -12.57 -4.85 18.20
O2 SO4 C . -15.00 -4.90 18.43
O3 SO4 C . -13.95 -6.00 16.59
O4 SO4 C . -13.97 -3.55 16.72
S SO4 D . -7.82 -17.80 6.60
O1 SO4 D . -6.62 -17.19 6.00
O2 SO4 D . -8.95 -16.84 6.62
O3 SO4 D . -7.51 -18.20 8.00
O4 SO4 D . -8.22 -18.99 5.83
S SO4 E . 7.42 -3.98 21.68
O1 SO4 E . 8.42 -2.91 21.48
O2 SO4 E . 6.06 -3.44 21.52
O3 SO4 E . 7.56 -4.53 23.06
O4 SO4 E . 7.65 -5.06 20.71
C ACT F . 3.60 -8.02 3.63
O ACT F . 3.58 -9.06 2.93
OXT ACT F . 4.42 -7.09 3.44
CH3 ACT F . 2.61 -7.89 4.73
C ACT G . -0.37 -8.87 3.57
O ACT G . -1.45 -8.40 3.15
OXT ACT G . -0.07 -8.99 4.78
CH3 ACT G . 0.60 -9.31 2.53
C ACT H . -5.47 -8.51 19.59
O ACT H . -6.12 -7.43 19.57
OXT ACT H . -4.24 -8.54 19.44
CH3 ACT H . -6.21 -9.81 19.77
C ACT I . -0.72 -1.51 4.24
O ACT I . -0.33 -0.37 4.61
OXT ACT I . -1.84 -1.78 3.76
CH3 ACT I . 0.23 -2.62 4.37
C1 JNS J . -10.22 -12.11 -7.03
C2 JNS J . -9.23 -11.27 -6.58
C3 JNS J . -10.35 -13.38 -6.51
C4 JNS J . -6.58 -15.35 -4.81
C5 JNS J . -8.36 -11.73 -5.61
C6 JNS J . -5.30 -15.10 -4.36
C7 JNS J . -9.48 -13.84 -5.55
C8 JNS J . -7.56 -15.78 -3.95
C9 JNS J . -7.28 -16.01 -2.61
C10 JNS J . -8.48 -12.99 -5.11
C11 JNS J . -5.03 -15.31 -3.04
C12 JNS J . -5.99 -15.76 -2.19
C14 JNS J . -9.72 -15.20 -5.09
C15 JNS J . -8.91 -16.04 -4.43
C16 JNS J . -8.30 -16.49 -1.64
C17 JNS J . -4.21 -15.38 -1.06
O19 JNS J . -9.05 -17.43 -2.01
O20 JNS J . -8.32 -15.94 -0.51
O21 JNS J . -3.83 -15.14 -2.41
O22 JNS J . -5.53 -15.92 -0.91
S SO4 K . 16.92 -11.11 -10.73
O1 SO4 K . 18.09 -11.51 -11.51
O2 SO4 K . 17.27 -11.19 -9.30
O3 SO4 K . 15.79 -12.03 -11.01
O4 SO4 K . 16.50 -9.74 -11.12
S SO4 L . 13.95 -13.39 6.82
O1 SO4 L . 14.01 -14.73 6.19
O2 SO4 L . 14.57 -13.44 8.17
O3 SO4 L . 12.53 -12.99 6.95
O4 SO4 L . 14.72 -12.43 5.99
S SO4 M . -2.68 -20.41 -11.29
O1 SO4 M . -1.61 -19.51 -11.75
O2 SO4 M . -2.48 -21.76 -11.86
O3 SO4 M . -3.99 -19.87 -11.72
O4 SO4 M . -2.66 -20.51 -9.80
C ACT N . 1.24 -3.59 -2.16
O ACT N . 0.79 -3.92 -3.29
OXT ACT N . 2.46 -3.59 -1.87
CH3 ACT N . 0.27 -3.15 -1.09
C1 JNS O . 10.77 -0.71 10.85
C2 JNS O . 11.29 0.54 11.08
C3 JNS O . 11.35 -1.82 11.39
C4 JNS O . 10.35 -4.13 13.15
C5 JNS O . 12.41 0.67 11.87
C6 JNS O . 9.13 -4.71 12.84
C7 JNS O . 12.48 -1.71 12.18
C8 JNS O . 11.54 -4.70 12.73
C9 JNS O . 11.54 -5.87 11.99
C10 JNS O . 13.00 -0.46 12.41
C11 JNS O . 9.15 -5.87 12.11
C12 JNS O . 10.32 -6.43 11.70
C14 JNS O . 13.20 -2.81 12.81
C15 JNS O . 12.81 -4.07 13.07
C16 JNS O . 12.78 -6.53 11.51
C17 JNS O . 8.71 -7.49 10.78
O19 JNS O . 13.77 -6.58 12.30
O20 JNS O . 12.75 -7.01 10.35
O21 JNS O . 8.06 -6.59 11.69
O22 JNS O . 10.12 -7.58 10.98
#